data_1GVX
#
_entry.id   1GVX
#
_cell.length_a   43.881
_cell.length_b   75.446
_cell.length_c   43.226
_cell.angle_alpha   90.00
_cell.angle_beta   97.47
_cell.angle_gamma   90.00
#
_symmetry.space_group_name_H-M   'P 1 21 1'
#
loop_
_entity.id
_entity.type
_entity.pdbx_description
1 polymer ENDOTHIAPEPSIN
2 polymer 'INHIBITOR H256'
3 non-polymer 'SULFATE ION'
4 water water
#
loop_
_entity_poly.entity_id
_entity_poly.type
_entity_poly.pdbx_seq_one_letter_code
_entity_poly.pdbx_strand_id
1 'polypeptide(L)'
;STGSATTTPIDSLDDAYITPVQIGTPAQTLNLDFDTGSSDLWVFSSETTASEV(SUI)QTIYTPSKSTTAKLLSGATWSI
SYGDGSSSSGDVYTDTVSVGGLTVTGQAVESAKKVSSSFTEDSTIDGLLGLAFSTLNTVSPTQQKTFFDNAKASLDSPVF
TADLGYHAPGTYNFGFIDTTAYTGSITYTAVSTKQGFWEWTSTGYAVGSGTFKSTSIDGIADTGTTLLYLPATVVSAYWA
QVSGAKSSSSVGGYVFPCSATLPSFTFGVGSARIVIPGDYIDFGPISTGSSSCFGGIQSSAGIGINIFGDVALKAAFVVF
NGATTPTLGFASK
;
A
2 'polypeptide(L)' PTE(PUK)RE I
#
loop_
_chem_comp.id
_chem_comp.type
_chem_comp.name
_chem_comp.formula
PUK peptide-like N-[(2S)-2-amino-3-phenylpropyl]-L-phenylalanine 'C18 H22 N2 O2'
SO4 non-polymer 'SULFATE ION' 'O4 S -2'
#
# COMPACT_ATOMS: atom_id res chain seq x y z
N SER A 1 -7.71 -16.75 -16.58
CA SER A 1 -8.45 -16.58 -15.30
C SER A 1 -8.38 -15.12 -14.80
N THR A 2 -9.26 -14.78 -13.86
CA THR A 2 -9.32 -13.48 -13.19
C THR A 2 -9.67 -13.67 -11.70
N GLY A 3 -9.42 -12.61 -10.88
CA GLY A 3 -9.97 -12.52 -9.51
C GLY A 3 -10.46 -11.10 -9.19
N SER A 4 -11.41 -10.99 -8.24
CA SER A 4 -11.93 -9.69 -7.79
C SER A 4 -12.27 -9.77 -6.29
N ALA A 5 -11.64 -8.91 -5.46
CA ALA A 5 -11.82 -8.96 -3.99
C ALA A 5 -12.12 -7.54 -3.44
N THR A 6 -12.96 -7.47 -2.39
CA THR A 6 -13.28 -6.19 -1.71
C THR A 6 -12.22 -5.83 -0.66
N THR A 7 -11.78 -4.56 -0.67
CA THR A 7 -10.81 -4.00 0.32
C THR A 7 -11.48 -2.94 1.17
N THR A 8 -11.26 -2.98 2.53
CA THR A 8 -12.02 -2.22 3.53
C THR A 8 -11.06 -1.37 4.39
N PRO A 9 -11.32 -0.09 4.73
CA PRO A 9 -10.49 0.62 5.75
C PRO A 9 -10.56 -0.04 7.11
N ILE A 10 -9.44 -0.11 7.85
CA ILE A 10 -9.39 -0.74 9.18
C ILE A 10 -10.05 0.10 10.28
N ASP A 11 -10.20 1.42 10.08
CA ASP A 11 -10.63 2.38 11.11
C ASP A 11 -11.24 3.62 10.44
N SER A 12 -11.72 4.59 11.25
CA SER A 12 -12.38 5.79 10.77
C SER A 12 -11.43 6.80 10.06
N LEU A 13 -10.14 6.62 10.12
CA LEU A 13 -9.10 7.57 9.60
C LEU A 13 -8.50 7.07 8.28
N ASP A 14 -8.97 5.88 7.75
CA ASP A 14 -8.31 5.30 6.57
C ASP A 14 -6.81 5.08 6.83
N ASP A 15 -6.43 4.60 8.04
CA ASP A 15 -4.98 4.37 8.31
C ASP A 15 -4.37 3.31 7.41
N ALA A 16 -5.20 2.28 7.07
CA ALA A 16 -4.75 1.11 6.26
C ALA A 16 -5.97 0.39 5.71
N TYR A 17 -5.80 -0.49 4.74
CA TYR A 17 -6.89 -1.24 4.09
C TYR A 17 -6.59 -2.76 4.22
N ILE A 18 -7.64 -3.59 4.50
CA ILE A 18 -7.52 -5.06 4.59
C ILE A 18 -8.39 -5.74 3.50
N THR A 19 -7.91 -6.92 3.02
CA THR A 19 -8.53 -7.71 1.92
C THR A 19 -8.51 -9.19 2.33
N PRO A 20 -9.63 -9.97 2.19
CA PRO A 20 -9.59 -11.42 2.57
C PRO A 20 -8.71 -12.23 1.62
N VAL A 21 -8.00 -13.22 2.22
CA VAL A 21 -7.10 -14.12 1.48
C VAL A 21 -7.39 -15.58 2.02
N GLN A 22 -7.63 -16.54 1.11
CA GLN A 22 -7.82 -17.98 1.48
C GLN A 22 -6.49 -18.73 1.35
N ILE A 23 -6.03 -19.37 2.47
CA ILE A 23 -4.74 -20.11 2.49
C ILE A 23 -5.00 -21.59 2.90
N GLY A 24 -4.49 -22.53 2.09
CA GLY A 24 -4.52 -23.95 2.50
C GLY A 24 -5.79 -24.70 2.06
N THR A 25 -5.82 -26.02 2.43
CA THR A 25 -6.91 -26.97 2.11
C THR A 25 -7.34 -27.78 3.37
N PRO A 26 -8.57 -27.66 3.88
CA PRO A 26 -9.60 -26.69 3.48
C PRO A 26 -9.14 -25.21 3.73
N ALA A 27 -9.75 -24.27 3.01
CA ALA A 27 -9.30 -22.85 3.10
C ALA A 27 -9.39 -22.30 4.53
N GLN A 28 -8.32 -21.54 4.94
CA GLN A 28 -8.28 -20.71 6.18
C GLN A 28 -8.33 -19.25 5.71
N THR A 29 -9.36 -18.48 6.10
CA THR A 29 -9.50 -17.06 5.64
C THR A 29 -8.85 -16.10 6.65
N LEU A 30 -7.83 -15.30 6.18
CA LEU A 30 -7.14 -14.25 6.94
C LEU A 30 -7.36 -12.89 6.23
N ASN A 31 -7.41 -11.76 7.01
CA ASN A 31 -7.46 -10.41 6.43
C ASN A 31 -6.03 -9.77 6.35
N LEU A 32 -5.50 -9.63 5.14
CA LEU A 32 -4.13 -9.15 4.90
C LEU A 32 -4.11 -7.69 4.36
N ASP A 33 -3.01 -6.96 4.68
CA ASP A 33 -2.75 -5.59 4.11
C ASP A 33 -1.97 -5.73 2.81
N PHE A 34 -2.62 -5.43 1.66
CA PHE A 34 -1.97 -5.53 0.33
C PHE A 34 -0.99 -4.32 0.17
N ASP A 35 0.32 -4.58 0.00
CA ASP A 35 1.38 -3.55 0.10
C ASP A 35 2.22 -3.51 -1.19
N THR A 36 1.96 -2.52 -2.09
CA THR A 36 2.79 -2.35 -3.30
C THR A 36 4.19 -1.78 -3.02
N GLY A 37 4.52 -1.47 -1.73
CA GLY A 37 5.89 -1.09 -1.33
C GLY A 37 6.79 -2.20 -0.73
N SER A 38 6.34 -3.49 -0.78
CA SER A 38 7.17 -4.61 -0.31
C SER A 38 6.78 -5.89 -1.09
N SER A 39 7.49 -7.02 -0.81
CA SER A 39 7.41 -8.21 -1.70
C SER A 39 7.35 -9.55 -0.92
N ASP A 40 6.92 -9.51 0.35
CA ASP A 40 6.74 -10.71 1.21
C ASP A 40 5.24 -10.93 1.51
N LEU A 41 4.75 -12.18 1.41
CA LEU A 41 3.40 -12.63 1.91
C LEU A 41 3.72 -13.32 3.27
N TRP A 42 3.46 -12.64 4.39
CA TRP A 42 3.70 -13.19 5.73
C TRP A 42 2.43 -13.10 6.60
N VAL A 43 2.31 -14.08 7.53
CA VAL A 43 1.08 -14.22 8.35
C VAL A 43 1.40 -14.50 9.81
N PHE A 44 0.53 -14.00 10.72
CA PHE A 44 0.38 -14.57 12.10
C PHE A 44 0.08 -16.10 11.98
N SER A 45 0.62 -16.89 12.90
CA SER A 45 0.57 -18.36 12.73
C SER A 45 0.49 -19.09 14.08
N SER A 46 0.23 -20.42 14.03
CA SER A 46 0.41 -21.30 15.20
C SER A 46 1.86 -21.31 15.73
N GLU A 47 2.86 -20.84 14.95
CA GLU A 47 4.25 -20.74 15.36
C GLU A 47 4.63 -19.46 16.11
N THR A 48 3.74 -18.41 16.04
CA THR A 48 4.07 -17.09 16.60
C THR A 48 4.10 -17.16 18.13
N THR A 49 5.14 -16.58 18.78
CA THR A 49 5.22 -16.50 20.25
C THR A 49 3.87 -16.08 20.85
N ALA A 50 3.31 -16.86 21.81
CA ALA A 50 1.90 -16.66 22.22
C ALA A 50 1.68 -15.28 22.84
N SER A 51 2.63 -14.73 23.63
CA SER A 51 2.50 -13.40 24.22
C SER A 51 2.46 -12.24 23.18
N GLU A 52 2.89 -12.54 21.94
CA GLU A 52 2.90 -11.52 20.82
C GLU A 52 1.65 -11.61 19.93
N VAL A 53 0.76 -12.60 20.19
CA VAL A 53 -0.52 -12.76 19.48
C VAL A 53 -1.63 -12.14 20.34
N SUI A 54 -2.42 -11.23 19.75
CA SUI A 54 -3.58 -10.65 20.41
CB SUI A 54 -3.79 -9.17 20.14
CG SUI A 54 -5.11 -9.15 19.33
OD SUI A 54 -5.65 -8.16 18.84
C1 SUI A 54 -4.86 -11.35 19.84
O1 SUI A 54 -5.14 -12.57 19.92
N2 SUI A 54 -5.64 -10.42 19.22
C2A SUI A 54 -6.97 -10.65 18.60
C SUI A 54 -6.91 -11.12 17.15
O SUI A 54 -8.03 -11.30 16.55
N GLN A 55 -5.75 -11.32 16.55
CA GLN A 55 -5.61 -11.70 15.13
C GLN A 55 -6.07 -13.15 14.88
N THR A 56 -6.49 -13.43 13.64
CA THR A 56 -6.71 -14.78 13.09
C THR A 56 -5.38 -15.37 12.61
N ILE A 57 -5.07 -16.64 13.00
CA ILE A 57 -3.80 -17.29 12.66
C ILE A 57 -3.97 -18.39 11.61
N TYR A 58 -2.89 -18.59 10.82
CA TYR A 58 -2.70 -19.74 9.89
C TYR A 58 -2.04 -20.93 10.66
N THR A 59 -2.63 -22.16 10.54
CA THR A 59 -2.07 -23.36 11.16
C THR A 59 -1.62 -24.32 10.02
N PRO A 60 -0.34 -24.41 9.63
CA PRO A 60 0.06 -25.25 8.46
C PRO A 60 -0.29 -26.73 8.69
N SER A 61 -0.25 -27.26 9.92
CA SER A 61 -0.55 -28.69 10.19
C SER A 61 -2.02 -29.07 9.97
N LYS A 62 -2.91 -28.10 9.77
CA LYS A 62 -4.29 -28.36 9.43
C LYS A 62 -4.58 -28.29 7.91
N SER A 63 -3.58 -27.98 7.07
CA SER A 63 -3.70 -27.88 5.61
C SER A 63 -3.07 -29.08 4.90
N THR A 64 -3.90 -29.82 4.11
CA THR A 64 -3.37 -31.03 3.41
C THR A 64 -2.39 -30.69 2.29
N THR A 65 -2.38 -29.44 1.81
CA THR A 65 -1.53 -28.96 0.69
C THR A 65 -0.24 -28.22 1.18
N ALA A 66 -0.04 -28.00 2.48
CA ALA A 66 1.15 -27.27 2.97
C ALA A 66 2.41 -28.17 2.89
N LYS A 67 3.54 -27.56 2.45
CA LYS A 67 4.86 -28.18 2.35
C LYS A 67 5.89 -27.27 3.01
N LEU A 68 6.74 -27.74 3.96
CA LEU A 68 7.84 -26.95 4.52
C LEU A 68 8.93 -26.73 3.43
N LEU A 69 9.37 -25.46 3.21
CA LEU A 69 10.52 -25.15 2.30
C LEU A 69 11.81 -25.29 3.13
N SER A 70 12.50 -26.46 3.00
CA SER A 70 13.59 -26.83 3.94
C SER A 70 14.75 -25.84 3.87
N GLY A 71 15.23 -25.42 5.04
CA GLY A 71 16.39 -24.48 5.15
C GLY A 71 16.09 -22.99 4.98
N ALA A 72 14.85 -22.65 4.62
CA ALA A 72 14.54 -21.23 4.29
C ALA A 72 14.10 -20.41 5.49
N THR A 73 14.59 -19.14 5.60
CA THR A 73 14.20 -18.21 6.66
C THR A 73 13.95 -16.82 6.06
N TRP A 74 13.28 -15.89 6.82
CA TRP A 74 12.99 -14.55 6.38
C TRP A 74 13.07 -13.57 7.56
N SER A 75 13.27 -12.26 7.25
CA SER A 75 13.36 -11.18 8.22
C SER A 75 13.18 -9.83 7.50
N ILE A 76 12.22 -9.02 7.96
CA ILE A 76 11.87 -7.75 7.26
C ILE A 76 11.68 -6.63 8.28
N SER A 77 12.00 -5.37 7.83
CA SER A 77 11.63 -4.15 8.57
C SER A 77 11.07 -3.10 7.56
N TYR A 78 10.21 -2.22 8.11
CA TYR A 78 9.46 -1.23 7.29
C TYR A 78 9.86 0.21 7.65
N GLY A 79 9.37 1.19 6.86
CA GLY A 79 9.77 2.62 7.06
C GLY A 79 9.42 3.23 8.37
N ASP A 80 8.41 2.68 9.06
CA ASP A 80 7.94 3.11 10.40
C ASP A 80 8.68 2.42 11.56
N GLY A 81 9.70 1.57 11.24
CA GLY A 81 10.47 0.82 12.28
C GLY A 81 9.85 -0.54 12.71
N SER A 82 8.66 -0.93 12.20
CA SER A 82 8.07 -2.25 12.53
C SER A 82 8.83 -3.37 11.85
N SER A 83 8.69 -4.64 12.39
CA SER A 83 9.47 -5.79 11.87
C SER A 83 8.80 -7.15 12.21
N SER A 84 9.29 -8.23 11.56
CA SER A 84 8.84 -9.61 11.84
C SER A 84 9.84 -10.56 11.18
N SER A 85 9.80 -11.89 11.58
CA SER A 85 10.73 -12.90 11.01
C SER A 85 10.16 -14.32 11.25
N GLY A 86 10.71 -15.33 10.54
CA GLY A 86 10.26 -16.73 10.77
C GLY A 86 10.77 -17.70 9.68
N ASP A 87 9.95 -18.77 9.44
CA ASP A 87 10.26 -19.87 8.48
C ASP A 87 9.22 -19.86 7.33
N VAL A 88 9.30 -20.82 6.38
CA VAL A 88 8.61 -20.70 5.08
C VAL A 88 7.92 -22.04 4.68
N TYR A 89 6.62 -21.95 4.31
CA TYR A 89 5.85 -23.03 3.68
C TYR A 89 5.52 -22.67 2.22
N THR A 90 5.25 -23.66 1.37
CA THR A 90 4.48 -23.39 0.12
C THR A 90 3.04 -23.97 0.34
N ASP A 91 2.03 -23.30 -0.23
CA ASP A 91 0.62 -23.77 -0.08
C ASP A 91 -0.21 -23.14 -1.20
N THR A 92 -1.49 -23.59 -1.33
CA THR A 92 -2.48 -23.03 -2.21
C THR A 92 -3.03 -21.71 -1.64
N VAL A 93 -3.02 -20.61 -2.42
CA VAL A 93 -3.49 -19.28 -2.01
C VAL A 93 -4.50 -18.75 -3.04
N SER A 94 -5.70 -18.32 -2.58
CA SER A 94 -6.71 -17.74 -3.46
C SER A 94 -7.06 -16.31 -3.02
N VAL A 95 -7.22 -15.41 -4.00
CA VAL A 95 -7.64 -14.01 -3.78
C VAL A 95 -8.81 -13.73 -4.73
N GLY A 96 -10.03 -13.51 -4.18
CA GLY A 96 -11.18 -13.11 -5.05
C GLY A 96 -11.55 -14.13 -6.14
N GLY A 97 -11.30 -15.45 -5.85
CA GLY A 97 -11.63 -16.49 -6.84
C GLY A 97 -10.48 -16.91 -7.75
N LEU A 98 -9.33 -16.20 -7.70
CA LEU A 98 -8.11 -16.53 -8.46
C LEU A 98 -7.21 -17.43 -7.60
N THR A 99 -6.89 -18.67 -8.01
CA THR A 99 -6.13 -19.65 -7.24
C THR A 99 -4.71 -19.79 -7.84
N VAL A 100 -3.67 -19.74 -6.95
CA VAL A 100 -2.26 -20.03 -7.24
C VAL A 100 -1.82 -21.23 -6.39
N THR A 101 -1.18 -22.22 -7.01
CA THR A 101 -0.60 -23.38 -6.29
C THR A 101 0.89 -23.11 -6.06
N GLY A 102 1.48 -23.65 -4.97
CA GLY A 102 2.93 -23.48 -4.73
C GLY A 102 3.41 -22.07 -4.31
N GLN A 103 2.48 -21.25 -3.73
CA GLN A 103 2.86 -19.89 -3.26
C GLN A 103 3.65 -19.97 -1.97
N ALA A 104 4.78 -19.21 -1.83
CA ALA A 104 5.46 -19.08 -0.56
C ALA A 104 4.61 -18.28 0.45
N VAL A 105 4.34 -18.93 1.61
CA VAL A 105 3.60 -18.36 2.77
C VAL A 105 4.63 -18.32 3.93
N GLU A 106 5.02 -17.07 4.32
CA GLU A 106 6.07 -16.86 5.35
C GLU A 106 5.39 -16.81 6.72
N SER A 107 5.67 -17.85 7.56
CA SER A 107 5.04 -18.01 8.87
C SER A 107 5.85 -17.30 9.95
N ALA A 108 5.23 -16.30 10.67
CA ALA A 108 5.95 -15.53 11.69
C ALA A 108 6.22 -16.38 12.98
N LYS A 109 7.50 -16.43 13.37
CA LYS A 109 7.90 -16.89 14.71
C LYS A 109 7.74 -15.76 15.74
N LYS A 110 7.93 -14.47 15.33
CA LYS A 110 7.92 -13.28 16.19
C LYS A 110 7.40 -12.10 15.34
N VAL A 111 6.71 -11.15 16.02
CA VAL A 111 6.28 -9.87 15.39
C VAL A 111 6.60 -8.70 16.37
N SER A 112 6.80 -7.47 15.83
CA SER A 112 7.04 -6.30 16.67
C SER A 112 5.77 -5.76 17.32
N SER A 113 5.96 -4.84 18.28
CA SER A 113 4.84 -4.38 19.15
C SER A 113 3.69 -3.74 18.36
N SER A 114 3.98 -2.93 17.30
CA SER A 114 2.90 -2.31 16.55
C SER A 114 2.01 -3.35 15.85
N PHE A 115 2.57 -4.49 15.40
CA PHE A 115 1.73 -5.57 14.82
C PHE A 115 0.82 -6.23 15.92
N THR A 116 1.41 -6.59 17.09
CA THR A 116 0.59 -7.12 18.20
C THR A 116 -0.60 -6.21 18.54
N GLU A 117 -0.36 -4.89 18.59
CA GLU A 117 -1.29 -3.85 19.03
C GLU A 117 -2.41 -3.64 18.02
N ASP A 118 -2.35 -4.06 16.78
CA ASP A 118 -3.37 -3.83 15.74
C ASP A 118 -4.17 -5.13 15.46
N SER A 119 -5.32 -5.27 16.08
CA SER A 119 -6.14 -6.50 16.02
C SER A 119 -6.66 -6.84 14.61
N THR A 120 -6.73 -5.81 13.73
CA THR A 120 -7.40 -5.93 12.43
C THR A 120 -6.55 -6.50 11.28
N ILE A 121 -5.21 -6.51 11.46
CA ILE A 121 -4.25 -6.90 10.39
C ILE A 121 -3.64 -8.26 10.78
N ASP A 122 -3.92 -9.32 9.96
CA ASP A 122 -3.44 -10.71 10.20
C ASP A 122 -2.10 -11.03 9.53
N GLY A 123 -1.55 -10.03 8.76
CA GLY A 123 -0.30 -10.17 7.98
C GLY A 123 -0.35 -9.23 6.77
N LEU A 124 0.69 -9.34 5.90
CA LEU A 124 0.85 -8.48 4.67
C LEU A 124 0.94 -9.40 3.43
N LEU A 125 0.44 -8.87 2.28
CA LEU A 125 0.60 -9.53 0.95
C LEU A 125 1.35 -8.49 0.06
N GLY A 126 2.65 -8.74 -0.17
CA GLY A 126 3.52 -7.76 -0.95
C GLY A 126 3.26 -7.91 -2.47
N LEU A 127 3.26 -6.73 -3.15
CA LEU A 127 2.99 -6.62 -4.60
C LEU A 127 4.06 -5.74 -5.34
N ALA A 128 5.20 -5.43 -4.69
CA ALA A 128 6.39 -4.83 -5.38
C ALA A 128 7.13 -5.96 -6.17
N PHE A 129 8.33 -5.64 -6.70
CA PHE A 129 9.05 -6.62 -7.56
C PHE A 129 9.74 -7.66 -6.69
N SER A 130 9.88 -8.89 -7.25
CA SER A 130 10.31 -10.04 -6.41
C SER A 130 11.77 -9.89 -5.93
N THR A 131 12.63 -9.04 -6.57
CA THR A 131 13.95 -8.70 -6.10
C THR A 131 14.00 -8.09 -4.66
N LEU A 132 12.88 -7.57 -4.11
CA LEU A 132 12.83 -7.07 -2.72
C LEU A 132 12.44 -8.18 -1.68
N ASN A 133 12.10 -9.37 -2.13
CA ASN A 133 11.66 -10.43 -1.17
C ASN A 133 12.81 -10.78 -0.21
N THR A 134 12.47 -11.06 1.10
CA THR A 134 13.53 -11.25 2.12
C THR A 134 13.86 -12.73 2.40
N VAL A 135 13.29 -13.72 1.70
CA VAL A 135 13.60 -15.14 1.96
C VAL A 135 15.06 -15.43 1.48
N SER A 136 15.78 -16.19 2.36
CA SER A 136 17.14 -16.70 2.12
C SER A 136 17.18 -18.21 2.36
N PRO A 137 17.98 -18.97 1.60
CA PRO A 137 19.00 -18.49 0.62
C PRO A 137 18.48 -18.06 -0.76
N THR A 138 17.33 -18.59 -1.20
CA THR A 138 16.73 -18.28 -2.53
C THR A 138 15.45 -17.45 -2.34
N GLN A 139 15.43 -16.23 -2.95
CA GLN A 139 14.23 -15.38 -2.84
C GLN A 139 13.01 -16.07 -3.50
N GLN A 140 11.81 -15.71 -2.99
CA GLN A 140 10.53 -16.27 -3.46
C GLN A 140 9.71 -15.22 -4.24
N LYS A 141 8.90 -15.71 -5.21
CA LYS A 141 8.02 -14.87 -6.05
C LYS A 141 6.74 -14.39 -5.30
N THR A 142 6.33 -13.16 -5.68
CA THR A 142 5.03 -12.65 -5.18
C THR A 142 3.83 -13.45 -5.76
N PHE A 143 2.66 -13.25 -5.07
CA PHE A 143 1.38 -13.81 -5.57
C PHE A 143 1.12 -13.38 -7.03
N PHE A 144 1.32 -12.06 -7.34
CA PHE A 144 1.13 -11.57 -8.73
C PHE A 144 2.09 -12.24 -9.72
N ASP A 145 3.39 -12.32 -9.38
CA ASP A 145 4.33 -13.00 -10.29
C ASP A 145 3.92 -14.46 -10.59
N ASN A 146 3.49 -15.20 -9.54
CA ASN A 146 3.06 -16.62 -9.75
C ASN A 146 1.76 -16.73 -10.57
N ALA A 147 0.85 -15.73 -10.49
CA ALA A 147 -0.45 -15.74 -11.22
C ALA A 147 -0.32 -15.41 -12.70
N LYS A 148 0.78 -14.71 -13.14
CA LYS A 148 0.82 -14.15 -14.52
C LYS A 148 0.61 -15.22 -15.60
N ALA A 149 1.14 -16.42 -15.45
CA ALA A 149 0.97 -17.45 -16.50
C ALA A 149 -0.49 -17.78 -16.81
N SER A 150 -1.35 -17.76 -15.78
CA SER A 150 -2.80 -18.09 -15.97
C SER A 150 -3.69 -16.86 -16.22
N LEU A 151 -3.28 -15.62 -15.89
CA LEU A 151 -4.14 -14.44 -15.98
C LEU A 151 -4.55 -14.11 -17.45
N ASP A 152 -5.78 -13.55 -17.63
CA ASP A 152 -6.19 -13.08 -18.95
C ASP A 152 -5.29 -11.95 -19.49
N SER A 153 -4.65 -11.13 -18.64
CA SER A 153 -3.67 -10.08 -18.95
C SER A 153 -2.75 -9.91 -17.72
N PRO A 154 -1.42 -9.65 -17.87
CA PRO A 154 -0.51 -9.51 -16.72
C PRO A 154 -0.61 -8.14 -16.02
N VAL A 155 -1.76 -7.89 -15.37
CA VAL A 155 -2.10 -6.63 -14.72
C VAL A 155 -2.85 -6.84 -13.41
N PHE A 156 -2.73 -5.90 -12.47
CA PHE A 156 -3.71 -5.79 -11.36
C PHE A 156 -4.03 -4.28 -11.21
N THR A 157 -5.25 -4.02 -10.63
CA THR A 157 -5.69 -2.65 -10.43
C THR A 157 -6.08 -2.40 -8.94
N ALA A 158 -5.79 -1.17 -8.47
CA ALA A 158 -6.14 -0.72 -7.13
C ALA A 158 -7.18 0.42 -7.20
N ASP A 159 -8.34 0.20 -6.55
CA ASP A 159 -9.44 1.18 -6.49
C ASP A 159 -9.83 1.39 -5.01
N LEU A 160 -9.03 2.18 -4.27
CA LEU A 160 -9.20 2.41 -2.84
C LEU A 160 -10.29 3.48 -2.58
N GLY A 161 -11.16 3.22 -1.59
CA GLY A 161 -12.21 4.20 -1.22
C GLY A 161 -11.82 5.24 -0.19
N TYR A 162 -12.41 6.47 -0.23
CA TYR A 162 -12.37 7.50 0.81
C TYR A 162 -13.42 7.18 1.88
N HIS A 163 -12.99 6.66 3.03
CA HIS A 163 -13.92 6.27 4.12
C HIS A 163 -15.00 5.31 3.56
N ALA A 164 -14.65 4.38 2.68
CA ALA A 164 -15.61 3.53 1.97
C ALA A 164 -14.93 2.23 1.45
N PRO A 165 -15.68 1.12 1.23
CA PRO A 165 -15.10 -0.08 0.56
C PRO A 165 -14.64 0.20 -0.88
N GLY A 166 -13.73 -0.62 -1.36
CA GLY A 166 -13.12 -0.53 -2.70
C GLY A 166 -12.77 -1.95 -3.21
N THR A 167 -11.92 -2.01 -4.25
CA THR A 167 -11.70 -3.25 -4.98
C THR A 167 -10.20 -3.41 -5.43
N TYR A 168 -9.68 -4.65 -5.30
CA TYR A 168 -8.47 -5.10 -6.01
C TYR A 168 -8.92 -6.13 -7.09
N ASN A 169 -8.58 -5.88 -8.37
CA ASN A 169 -8.83 -6.83 -9.49
C ASN A 169 -7.52 -7.35 -10.06
N PHE A 170 -7.52 -8.65 -10.42
CA PHE A 170 -6.37 -9.31 -11.06
C PHE A 170 -6.78 -9.83 -12.46
N GLY A 171 -6.02 -9.47 -13.53
CA GLY A 171 -6.19 -10.05 -14.86
C GLY A 171 -7.09 -9.30 -15.84
N PHE A 172 -7.71 -8.16 -15.42
CA PHE A 172 -8.63 -7.41 -16.33
C PHE A 172 -8.73 -5.96 -15.82
N ILE A 173 -9.14 -5.06 -16.76
CA ILE A 173 -9.42 -3.64 -16.51
C ILE A 173 -10.95 -3.42 -16.59
N ASP A 174 -11.57 -3.00 -15.47
CA ASP A 174 -13.05 -2.74 -15.42
C ASP A 174 -13.28 -1.31 -15.97
N THR A 175 -13.74 -1.19 -17.23
CA THR A 175 -13.93 0.12 -17.86
C THR A 175 -15.06 0.96 -17.24
N THR A 176 -15.90 0.34 -16.36
CA THR A 176 -16.97 1.07 -15.66
C THR A 176 -16.48 1.67 -14.33
N ALA A 177 -15.22 1.45 -13.91
CA ALA A 177 -14.69 1.90 -12.60
C ALA A 177 -13.96 3.23 -12.63
N TYR A 178 -13.85 3.89 -13.78
CA TYR A 178 -13.12 5.19 -13.92
C TYR A 178 -13.79 6.08 -14.98
N THR A 179 -13.38 7.37 -15.02
CA THR A 179 -13.86 8.34 -16.02
C THR A 179 -12.69 8.74 -16.95
N GLY A 180 -12.94 9.27 -18.12
CA GLY A 180 -11.89 9.65 -19.05
C GLY A 180 -11.07 8.43 -19.52
N SER A 181 -9.77 8.65 -19.79
CA SER A 181 -8.87 7.58 -20.22
C SER A 181 -7.72 7.39 -19.21
N ILE A 182 -7.11 6.21 -19.26
CA ILE A 182 -5.89 5.92 -18.47
C ILE A 182 -4.66 6.53 -19.19
N THR A 183 -3.79 7.28 -18.45
CA THR A 183 -2.47 7.74 -18.96
C THR A 183 -1.37 6.88 -18.28
N TYR A 184 -0.50 6.29 -19.09
CA TYR A 184 0.62 5.45 -18.63
C TYR A 184 1.93 6.24 -18.56
N THR A 185 2.79 5.89 -17.62
CA THR A 185 4.11 6.52 -17.41
C THR A 185 5.18 5.43 -17.09
N ALA A 186 6.45 5.70 -17.44
CA ALA A 186 7.54 4.73 -17.29
C ALA A 186 7.81 4.40 -15.82
N VAL A 187 8.21 3.13 -15.58
CA VAL A 187 8.62 2.63 -14.25
C VAL A 187 10.10 2.23 -14.27
N SER A 188 10.84 2.66 -13.22
CA SER A 188 12.20 2.18 -12.94
C SER A 188 12.14 1.09 -11.83
N THR A 189 12.72 -0.10 -12.10
CA THR A 189 12.82 -1.17 -11.09
C THR A 189 14.21 -1.26 -10.44
N LYS A 190 15.07 -0.23 -10.61
CA LYS A 190 16.46 -0.27 -10.10
C LYS A 190 16.49 -0.44 -8.56
N GLN A 191 15.53 0.07 -7.80
CA GLN A 191 15.47 -0.08 -6.35
C GLN A 191 14.38 -1.11 -5.91
N GLY A 192 13.71 -1.84 -6.88
CA GLY A 192 12.72 -2.87 -6.56
C GLY A 192 11.26 -2.39 -6.37
N PHE A 193 11.05 -1.09 -6.48
CA PHE A 193 9.72 -0.44 -6.25
C PHE A 193 9.01 -0.14 -7.57
N TRP A 194 7.69 0.19 -7.44
CA TRP A 194 6.91 0.86 -8.55
C TRP A 194 7.32 2.36 -8.53
N GLU A 195 8.57 2.67 -9.03
CA GLU A 195 9.18 4.01 -8.98
C GLU A 195 8.94 4.72 -10.34
N TRP A 196 8.50 6.01 -10.24
CA TRP A 196 8.12 6.79 -11.44
C TRP A 196 8.44 8.28 -11.19
N THR A 197 8.31 9.13 -12.24
CA THR A 197 8.63 10.58 -12.12
C THR A 197 7.38 11.38 -12.49
N SER A 198 6.76 12.04 -11.49
CA SER A 198 5.64 12.98 -11.74
C SER A 198 6.23 14.25 -12.47
N THR A 199 5.40 14.81 -13.37
CA THR A 199 5.83 16.00 -14.18
C THR A 199 5.62 17.34 -13.46
N GLY A 200 5.00 17.38 -12.27
CA GLY A 200 4.89 18.65 -11.51
C GLY A 200 3.62 18.70 -10.66
N TYR A 201 3.26 19.90 -10.19
CA TYR A 201 2.13 20.01 -9.25
C TYR A 201 1.49 21.42 -9.33
N ALA A 202 0.25 21.50 -8.81
CA ALA A 202 -0.44 22.80 -8.55
C ALA A 202 -1.15 22.74 -7.18
N VAL A 203 -1.26 23.92 -6.52
CA VAL A 203 -2.02 24.07 -5.25
C VAL A 203 -3.35 24.78 -5.55
N GLY A 204 -4.49 24.15 -5.21
CA GLY A 204 -5.79 24.78 -5.42
C GLY A 204 -5.99 25.22 -6.89
N SER A 205 -6.42 26.50 -7.04
CA SER A 205 -6.69 27.09 -8.36
C SER A 205 -5.46 27.87 -8.96
N GLY A 206 -4.27 27.66 -8.37
CA GLY A 206 -3.02 28.30 -8.84
C GLY A 206 -2.35 27.60 -10.00
N THR A 207 -1.11 28.11 -10.34
CA THR A 207 -0.37 27.65 -11.51
C THR A 207 0.32 26.29 -11.29
N PHE A 208 0.33 25.46 -12.38
CA PHE A 208 1.11 24.21 -12.45
C PHE A 208 2.61 24.54 -12.68
N LYS A 209 3.45 24.05 -11.77
CA LYS A 209 4.92 24.19 -11.80
C LYS A 209 5.50 22.92 -12.40
N SER A 210 6.26 22.99 -13.51
CA SER A 210 6.91 21.83 -14.12
C SER A 210 8.20 21.58 -13.33
N THR A 211 8.25 20.58 -12.56
CA THR A 211 9.40 20.22 -11.72
C THR A 211 9.30 18.70 -11.54
N SER A 212 10.36 18.00 -11.86
CA SER A 212 10.41 16.54 -11.76
C SER A 212 10.32 16.08 -10.31
N ILE A 213 9.38 15.14 -10.00
CA ILE A 213 9.28 14.58 -8.63
C ILE A 213 9.40 13.04 -8.73
N ASP A 214 10.59 12.51 -8.38
CA ASP A 214 10.85 11.06 -8.35
C ASP A 214 10.23 10.44 -7.10
N GLY A 215 9.35 9.42 -7.25
CA GLY A 215 8.76 8.83 -6.03
C GLY A 215 8.22 7.39 -6.32
N ILE A 216 7.63 6.77 -5.27
CA ILE A 216 7.09 5.38 -5.40
C ILE A 216 5.58 5.34 -5.12
N ALA A 217 4.85 4.41 -5.84
CA ALA A 217 3.43 4.15 -5.56
C ALA A 217 3.33 3.06 -4.45
N ASP A 218 2.90 3.45 -3.23
CA ASP A 218 2.96 2.57 -2.02
C ASP A 218 1.58 2.49 -1.33
N THR A 219 0.76 1.46 -1.67
CA THR A 219 -0.54 1.24 -1.00
C THR A 219 -0.43 0.97 0.50
N GLY A 220 0.77 0.55 0.99
CA GLY A 220 1.02 0.32 2.42
C GLY A 220 1.43 1.53 3.27
N THR A 221 1.48 2.75 2.66
CA THR A 221 1.76 4.01 3.41
C THR A 221 0.47 4.87 3.44
N THR A 222 0.12 5.39 4.62
CA THR A 222 -1.14 6.14 4.81
C THR A 222 -1.13 7.50 4.04
N LEU A 223 -0.06 8.31 4.22
CA LEU A 223 0.01 9.73 3.82
C LEU A 223 0.76 9.94 2.45
N LEU A 224 0.72 11.22 1.99
CA LEU A 224 1.46 11.70 0.79
C LEU A 224 2.68 12.50 1.26
N TYR A 225 3.90 11.97 0.98
CA TYR A 225 5.23 12.57 1.40
C TYR A 225 5.94 13.16 0.15
N LEU A 226 6.15 14.50 0.16
CA LEU A 226 6.64 15.25 -1.02
C LEU A 226 7.81 16.20 -0.63
N PRO A 227 8.55 16.83 -1.62
CA PRO A 227 9.71 17.69 -1.24
C PRO A 227 9.32 18.85 -0.30
N ALA A 228 10.27 19.27 0.56
CA ALA A 228 9.99 20.35 1.54
C ALA A 228 9.44 21.62 0.88
N THR A 229 10.01 22.07 -0.28
CA THR A 229 9.56 23.34 -0.93
C THR A 229 8.12 23.21 -1.48
N VAL A 230 7.72 21.98 -1.95
CA VAL A 230 6.37 21.70 -2.48
C VAL A 230 5.33 21.72 -1.32
N VAL A 231 5.67 21.02 -0.22
CA VAL A 231 4.81 20.95 0.99
C VAL A 231 4.62 22.37 1.61
N SER A 232 5.73 23.18 1.68
CA SER A 232 5.62 24.56 2.18
C SER A 232 4.68 25.40 1.30
N ALA A 233 4.77 25.25 -0.05
CA ALA A 233 3.87 25.98 -0.97
C ALA A 233 2.40 25.61 -0.71
N TYR A 234 2.07 24.31 -0.43
CA TYR A 234 0.68 23.90 -0.15
C TYR A 234 0.16 24.57 1.16
N TRP A 235 0.92 24.40 2.28
CA TRP A 235 0.40 24.89 3.59
C TRP A 235 0.45 26.45 3.69
N ALA A 236 1.23 27.15 2.80
CA ALA A 236 1.16 28.62 2.72
C ALA A 236 -0.25 29.12 2.35
N GLN A 237 -1.07 28.25 1.70
CA GLN A 237 -2.45 28.60 1.29
C GLN A 237 -3.52 28.20 2.37
N VAL A 238 -3.08 27.83 3.59
CA VAL A 238 -3.99 27.43 4.71
C VAL A 238 -3.64 28.35 5.90
N SER A 239 -4.55 29.33 6.25
CA SER A 239 -4.15 30.45 7.11
C SER A 239 -3.81 30.08 8.55
N GLY A 240 -4.40 28.95 9.08
CA GLY A 240 -4.06 28.49 10.45
C GLY A 240 -2.96 27.43 10.55
N ALA A 241 -2.42 27.01 9.35
CA ALA A 241 -1.47 25.89 9.38
C ALA A 241 -0.07 26.32 9.86
N LYS A 242 0.54 25.44 10.69
CA LYS A 242 1.92 25.66 11.18
C LYS A 242 2.63 24.29 11.30
N SER A 243 3.95 24.26 11.19
CA SER A 243 4.72 23.06 11.53
C SER A 243 4.86 22.95 13.03
N SER A 244 4.55 21.78 13.59
CA SER A 244 4.64 21.47 14.99
C SER A 244 5.78 20.47 15.24
N SER A 245 6.80 20.97 15.93
CA SER A 245 7.91 20.09 16.31
C SER A 245 7.43 18.93 17.20
N SER A 246 6.58 19.16 18.19
CA SER A 246 6.19 18.11 19.14
C SER A 246 5.21 17.09 18.54
N VAL A 247 4.25 17.50 17.68
CA VAL A 247 3.35 16.54 17.01
C VAL A 247 4.00 15.77 15.87
N GLY A 248 4.99 16.35 15.18
CA GLY A 248 5.78 15.77 14.13
C GLY A 248 5.32 16.01 12.71
N GLY A 249 4.75 17.21 12.46
CA GLY A 249 4.38 17.65 11.12
C GLY A 249 3.46 18.84 11.15
N TYR A 250 2.96 19.18 9.94
CA TYR A 250 1.97 20.30 9.80
C TYR A 250 0.60 19.92 10.43
N VAL A 251 0.11 20.90 11.22
CA VAL A 251 -1.21 20.83 11.89
C VAL A 251 -1.98 22.10 11.49
N PHE A 252 -3.34 22.05 11.58
CA PHE A 252 -4.20 23.18 11.10
C PHE A 252 -5.57 23.11 11.81
N PRO A 253 -6.35 24.17 11.81
CA PRO A 253 -7.69 24.08 12.46
C PRO A 253 -8.66 23.11 11.75
N CYS A 254 -9.35 22.19 12.47
CA CYS A 254 -10.26 21.20 11.84
C CYS A 254 -11.38 21.90 11.02
N SER A 255 -11.75 23.14 11.35
CA SER A 255 -12.80 23.90 10.63
C SER A 255 -12.34 24.50 9.29
N ALA A 256 -11.06 24.40 8.93
CA ALA A 256 -10.61 24.96 7.63
C ALA A 256 -11.24 24.25 6.44
N THR A 257 -11.50 24.98 5.35
CA THR A 257 -11.88 24.33 4.08
C THR A 257 -10.60 24.25 3.25
N LEU A 258 -9.94 23.13 3.10
CA LEU A 258 -8.63 22.97 2.47
C LEU A 258 -8.67 23.08 0.95
N PRO A 259 -7.59 23.63 0.32
CA PRO A 259 -7.47 23.59 -1.16
C PRO A 259 -7.22 22.17 -1.66
N SER A 260 -7.58 21.88 -2.93
CA SER A 260 -7.15 20.62 -3.59
C SER A 260 -5.61 20.68 -3.84
N PHE A 261 -5.08 19.48 -4.21
CA PHE A 261 -3.67 19.34 -4.62
C PHE A 261 -3.66 18.52 -5.93
N THR A 262 -3.03 19.05 -7.02
CA THR A 262 -2.97 18.35 -8.31
C THR A 262 -1.53 17.86 -8.58
N PHE A 263 -1.41 16.60 -9.03
CA PHE A 263 -0.08 16.09 -9.49
C PHE A 263 -0.16 15.67 -10.98
N GLY A 264 1.00 15.84 -11.67
CA GLY A 264 1.10 15.50 -13.10
C GLY A 264 1.49 14.05 -13.39
N VAL A 265 0.83 13.42 -14.40
CA VAL A 265 1.17 12.08 -14.93
C VAL A 265 1.34 12.31 -16.46
N GLY A 266 2.59 12.49 -16.92
CA GLY A 266 2.75 12.97 -18.31
C GLY A 266 2.01 14.31 -18.50
N SER A 267 1.22 14.43 -19.58
CA SER A 267 0.34 15.57 -19.86
C SER A 267 -0.97 15.61 -19.04
N ALA A 268 -1.29 14.47 -18.38
CA ALA A 268 -2.56 14.31 -17.60
C ALA A 268 -2.39 14.91 -16.18
N ARG A 269 -3.52 15.07 -15.49
CA ARG A 269 -3.59 15.67 -14.16
C ARG A 269 -4.55 14.85 -13.26
N ILE A 270 -4.08 14.52 -12.05
CA ILE A 270 -4.92 13.85 -10.99
C ILE A 270 -5.16 14.87 -9.88
N VAL A 271 -6.46 15.10 -9.57
CA VAL A 271 -6.84 16.11 -8.56
C VAL A 271 -7.24 15.38 -7.24
N ILE A 272 -6.48 15.66 -6.16
CA ILE A 272 -6.85 15.17 -4.78
C ILE A 272 -7.75 16.21 -4.13
N PRO A 273 -9.04 15.88 -3.84
CA PRO A 273 -9.93 16.87 -3.16
C PRO A 273 -9.34 17.33 -1.81
N GLY A 274 -9.60 18.61 -1.45
CA GLY A 274 -9.10 19.12 -0.15
C GLY A 274 -9.51 18.23 1.05
N ASP A 275 -10.75 17.70 1.07
CA ASP A 275 -11.19 16.90 2.23
C ASP A 275 -10.30 15.66 2.46
N TYR A 276 -9.68 15.11 1.40
CA TYR A 276 -8.81 13.91 1.52
C TYR A 276 -7.52 14.26 2.28
N ILE A 277 -7.15 15.57 2.31
CA ILE A 277 -5.90 16.07 2.93
C ILE A 277 -6.12 16.42 4.41
N ASP A 278 -7.38 16.37 4.88
CA ASP A 278 -7.67 16.42 6.31
C ASP A 278 -7.55 14.97 6.86
N PHE A 279 -6.43 14.63 7.47
CA PHE A 279 -6.29 13.25 7.97
C PHE A 279 -7.21 12.96 9.15
N GLY A 280 -7.27 13.85 10.10
CA GLY A 280 -8.27 13.91 11.15
C GLY A 280 -7.76 14.59 12.44
N PRO A 281 -8.58 14.61 13.49
CA PRO A 281 -8.18 15.33 14.74
C PRO A 281 -6.98 14.71 15.41
N ILE A 282 -6.12 15.52 16.09
CA ILE A 282 -4.90 14.98 16.74
C ILE A 282 -5.31 14.05 17.89
N SER A 283 -6.45 14.32 18.55
CA SER A 283 -7.15 13.44 19.51
C SER A 283 -8.66 13.64 19.36
N THR A 284 -9.51 12.70 19.81
CA THR A 284 -10.96 12.87 19.68
C THR A 284 -11.39 14.16 20.39
N GLY A 285 -12.16 15.02 19.70
CA GLY A 285 -12.61 16.26 20.26
C GLY A 285 -11.68 17.47 20.15
N SER A 286 -10.44 17.27 19.68
CA SER A 286 -9.51 18.39 19.48
C SER A 286 -9.99 19.40 18.46
N SER A 287 -9.54 20.67 18.64
CA SER A 287 -9.74 21.72 17.60
C SER A 287 -8.73 21.69 16.45
N SER A 288 -7.65 20.93 16.66
CA SER A 288 -6.52 20.87 15.70
C SER A 288 -6.51 19.49 15.00
N CYS A 289 -6.18 19.51 13.71
CA CYS A 289 -6.14 18.35 12.85
C CYS A 289 -4.74 18.17 12.24
N PHE A 290 -4.35 16.90 11.95
CA PHE A 290 -3.10 16.57 11.30
C PHE A 290 -3.23 16.56 9.77
N GLY A 291 -2.22 17.17 9.05
CA GLY A 291 -2.25 17.22 7.61
C GLY A 291 -1.93 15.86 6.91
N GLY A 292 -2.61 15.64 5.73
CA GLY A 292 -2.36 14.42 4.93
C GLY A 292 -1.20 14.52 3.92
N ILE A 293 -0.63 15.77 3.77
CA ILE A 293 0.58 16.05 2.94
C ILE A 293 1.69 16.51 3.92
N GLN A 294 2.84 15.80 3.90
CA GLN A 294 3.94 16.07 4.84
C GLN A 294 5.29 16.00 4.07
N SER A 295 6.38 16.61 4.63
CA SER A 295 7.71 16.57 3.99
C SER A 295 8.31 15.15 3.96
N SER A 296 8.93 14.82 2.82
CA SER A 296 9.71 13.56 2.63
C SER A 296 11.17 13.71 3.11
N ALA A 297 11.62 14.86 3.66
CA ALA A 297 13.05 15.04 3.97
C ALA A 297 13.58 13.97 4.93
N GLY A 298 12.82 13.55 5.94
CA GLY A 298 13.27 12.49 6.84
C GLY A 298 13.31 11.07 6.25
N ILE A 299 12.69 10.77 5.12
CA ILE A 299 12.68 9.45 4.41
C ILE A 299 13.74 9.35 3.35
N GLY A 300 13.93 10.42 2.57
CA GLY A 300 14.96 10.38 1.56
C GLY A 300 14.40 10.01 0.18
N ILE A 301 13.09 9.69 0.09
CA ILE A 301 12.40 9.40 -1.20
C ILE A 301 10.97 9.90 -1.05
N ASN A 302 10.39 10.38 -2.16
CA ASN A 302 8.97 10.81 -2.15
C ASN A 302 8.04 9.56 -2.21
N ILE A 303 6.90 9.63 -1.46
CA ILE A 303 5.98 8.46 -1.33
C ILE A 303 4.55 8.90 -1.69
N PHE A 304 4.04 8.32 -2.84
CA PHE A 304 2.63 8.48 -3.26
C PHE A 304 1.82 7.35 -2.51
N GLY A 305 1.46 7.68 -1.24
CA GLY A 305 0.67 6.75 -0.38
C GLY A 305 -0.82 6.92 -0.60
N ASP A 306 -1.65 6.38 0.38
CA ASP A 306 -3.09 6.24 0.17
C ASP A 306 -3.79 7.58 -0.07
N VAL A 307 -3.35 8.67 0.61
CA VAL A 307 -3.98 10.02 0.34
C VAL A 307 -4.02 10.35 -1.17
N ALA A 308 -2.92 10.08 -1.91
CA ALA A 308 -2.87 10.27 -3.36
C ALA A 308 -3.61 9.15 -4.13
N LEU A 309 -3.28 7.85 -3.81
CA LEU A 309 -3.83 6.74 -4.65
C LEU A 309 -5.35 6.59 -4.57
N LYS A 310 -5.99 6.92 -3.41
CA LYS A 310 -7.46 6.78 -3.29
C LYS A 310 -8.22 7.81 -4.17
N ALA A 311 -7.52 8.86 -4.67
CA ALA A 311 -8.12 9.83 -5.63
C ALA A 311 -8.13 9.31 -7.07
N ALA A 312 -7.56 8.14 -7.35
CA ALA A 312 -7.39 7.63 -8.74
C ALA A 312 -7.81 6.13 -8.84
N PHE A 313 -8.03 5.69 -10.10
CA PHE A 313 -8.02 4.26 -10.51
C PHE A 313 -6.59 3.98 -11.02
N VAL A 314 -5.87 3.04 -10.37
CA VAL A 314 -4.41 2.86 -10.58
C VAL A 314 -4.17 1.45 -11.19
N VAL A 315 -3.47 1.43 -12.35
CA VAL A 315 -3.15 0.19 -13.11
C VAL A 315 -1.68 -0.13 -12.93
N PHE A 316 -1.40 -1.32 -12.36
CA PHE A 316 -0.04 -1.84 -12.17
C PHE A 316 0.16 -2.86 -13.30
N ASN A 317 0.85 -2.43 -14.40
CA ASN A 317 1.09 -3.23 -15.60
C ASN A 317 2.41 -3.98 -15.43
N GLY A 318 2.34 -5.31 -15.19
CA GLY A 318 3.49 -6.15 -14.96
C GLY A 318 3.98 -6.92 -16.14
N ALA A 319 3.83 -6.36 -17.37
CA ALA A 319 4.51 -6.88 -18.55
C ALA A 319 6.06 -6.80 -18.32
N THR A 320 6.78 -7.45 -19.29
CA THR A 320 8.27 -7.55 -19.10
C THR A 320 8.93 -6.18 -18.94
N THR A 321 8.46 -5.14 -19.69
CA THR A 321 8.77 -3.74 -19.36
C THR A 321 7.53 -3.21 -18.59
N PRO A 322 7.62 -3.01 -17.28
CA PRO A 322 6.40 -2.55 -16.53
C PRO A 322 6.11 -1.07 -16.75
N THR A 323 4.82 -0.71 -16.57
CA THR A 323 4.39 0.72 -16.60
C THR A 323 3.31 0.91 -15.51
N LEU A 324 3.03 2.19 -15.18
CA LEU A 324 2.03 2.53 -14.20
C LEU A 324 1.00 3.45 -14.88
N GLY A 325 -0.31 3.14 -14.72
CA GLY A 325 -1.40 3.97 -15.30
C GLY A 325 -2.25 4.63 -14.22
N PHE A 326 -2.69 5.88 -14.52
CA PHE A 326 -3.62 6.58 -13.65
C PHE A 326 -4.84 7.10 -14.45
N ALA A 327 -6.04 6.95 -13.91
CA ALA A 327 -7.28 7.59 -14.41
C ALA A 327 -8.00 8.29 -13.25
N SER A 328 -8.69 9.39 -13.60
CA SER A 328 -9.65 10.01 -12.65
C SER A 328 -10.85 9.06 -12.40
N LYS A 329 -11.60 9.26 -11.30
CA LYS A 329 -12.77 8.42 -10.99
C LYS A 329 -13.83 9.20 -10.23
N PRO B 1 -0.70 6.12 11.77
CA PRO B 1 -0.33 5.89 10.36
C PRO B 1 0.74 4.82 10.13
N THR B 2 0.72 4.09 9.01
CA THR B 2 1.73 3.07 8.62
C THR B 2 2.64 3.60 7.50
N GLU B 3 3.84 3.04 7.37
CA GLU B 3 4.79 3.34 6.27
C GLU B 3 5.39 2.04 5.71
N PUK B 4 4.55 1.12 5.15
CA PUK B 4 4.97 -0.21 4.70
C2 PUK B 4 5.41 -0.25 3.22
C3 PUK B 4 3.84 -1.29 4.90
C4 PUK B 4 3.26 -1.51 6.30
C5 PUK B 4 1.90 -1.83 6.42
C6 PUK B 4 4.01 -1.46 7.45
C7 PUK B 4 1.28 -2.06 7.68
C8 PUK B 4 3.42 -1.68 8.71
C9 PUK B 4 2.09 -2.03 8.82
N2 PUK B 4 6.41 0.85 2.87
C10 PUK B 4 7.59 0.39 2.07
C PUK B 4 8.55 -0.40 2.96
O PUK B 4 8.68 -0.14 4.18
C12 PUK B 4 8.31 1.60 1.40
C13 PUK B 4 8.81 2.73 2.35
C14 PUK B 4 7.93 3.76 2.71
C15 PUK B 4 10.06 2.76 2.96
C16 PUK B 4 8.32 4.79 3.58
C17 PUK B 4 10.49 3.81 3.77
C18 PUK B 4 9.58 4.78 4.11
N ARG B 5 9.24 -1.41 2.32
CA ARG B 5 10.40 -2.08 2.99
C ARG B 5 11.59 -1.10 3.17
N GLU B 6 12.18 -1.10 4.36
CA GLU B 6 13.48 -0.40 4.60
C GLU B 6 14.64 -1.43 4.62
S SO4 C . 10.25 -6.02 -23.72
O1 SO4 C . 11.21 -5.76 -24.79
O2 SO4 C . 10.90 -5.79 -22.42
O3 SO4 C . 9.09 -5.08 -23.90
O4 SO4 C . 9.75 -7.41 -23.82
S SO4 D . 5.11 22.98 18.89
O1 SO4 D . 5.27 24.16 19.73
O2 SO4 D . 5.56 21.71 19.34
O3 SO4 D . 3.73 22.90 18.32
O4 SO4 D . 5.97 23.25 17.68
#